data_5L99
#
_entry.id   5L99
#
_cell.length_a   82.009
_cell.length_b   96.837
_cell.length_c   57.789
_cell.angle_alpha   90.000
_cell.angle_beta   90.000
_cell.angle_gamma   90.000
#
_symmetry.space_group_name_H-M   'C 2 2 21'
#
loop_
_entity.id
_entity.type
_entity.pdbx_description
1 polymer 'Bromodomain adjacent to zinc finger domain protein 2B'
2 non-polymer 2-methyl-~{N}-[(1~{S})-1-thieno[3,2-b]pyridin-6-ylethyl]pyridin-3-amine
3 water water
#
_entity_poly.entity_id   1
_entity_poly.type   'polypeptide(L)'
_entity_poly.pdbx_seq_one_letter_code
;SMSVKKPKRDDSKDLALCSMILTEMETHEDAWPFLLPVNLKLVPGYKKVIKKPMDFSTIREKLSSGQYPNLETFALDVRL
VFDNCETFNEDDSDIGRAGHNMRKYFEKKWTDTFKV
;
_entity_poly.pdbx_strand_id   A
#
loop_
_chem_comp.id
_chem_comp.type
_chem_comp.name
_chem_comp.formula
6S0 non-polymer 2-methyl-~{N}-[(1~{S})-1-thieno[3,2-b]pyridin-6-ylethyl]pyridin-3-amine 'C15 H15 N3 S'
#
# COMPACT_ATOMS: atom_id res chain seq x y z
N SER A 1 -13.80 27.61 -5.01
CA SER A 1 -14.16 28.26 -3.75
C SER A 1 -15.68 28.18 -3.55
N MET A 2 -16.20 28.94 -2.59
CA MET A 2 -17.64 28.92 -2.28
C MET A 2 -18.50 29.14 -3.53
N SER A 3 -19.35 28.16 -3.84
CA SER A 3 -20.21 28.16 -5.04
C SER A 3 -19.44 28.17 -6.37
N VAL A 4 -18.15 27.89 -6.33
CA VAL A 4 -17.39 27.73 -7.56
C VAL A 4 -16.87 26.31 -7.58
N LYS A 5 -17.63 25.45 -8.24
CA LYS A 5 -17.42 24.02 -8.24
C LYS A 5 -16.55 23.60 -9.41
N LYS A 6 -15.52 22.84 -9.11
CA LYS A 6 -14.69 22.23 -10.13
C LYS A 6 -15.36 20.92 -10.54
N PRO A 7 -15.42 20.65 -11.85
CA PRO A 7 -15.84 19.31 -12.27
C PRO A 7 -14.90 18.30 -11.66
N LYS A 8 -15.42 17.23 -11.07
CA LYS A 8 -14.55 16.22 -10.49
C LYS A 8 -14.97 14.81 -10.92
N ARG A 9 -13.98 13.92 -10.96
CA ARG A 9 -14.18 12.59 -11.51
C ARG A 9 -15.22 11.78 -10.76
N ASP A 10 -15.87 10.87 -11.48
CA ASP A 10 -16.78 9.91 -10.90
C ASP A 10 -15.99 8.96 -10.00
N ASP A 11 -16.36 8.89 -8.72
CA ASP A 11 -15.56 8.14 -7.75
C ASP A 11 -16.30 6.93 -7.19
N SER A 12 -17.43 6.60 -7.80
CA SER A 12 -18.29 5.52 -7.33
C SER A 12 -17.69 4.12 -7.48
N LYS A 13 -16.72 3.97 -8.38
CA LYS A 13 -16.09 2.68 -8.63
C LYS A 13 -14.79 2.50 -7.85
N ASP A 14 -14.36 3.53 -7.13
CA ASP A 14 -13.02 3.54 -6.54
C ASP A 14 -12.80 2.43 -5.52
N LEU A 15 -13.80 2.21 -4.68
CA LEU A 15 -13.69 1.20 -3.61
C LEU A 15 -13.45 -0.18 -4.21
N ALA A 16 -14.31 -0.56 -5.16
CA ALA A 16 -14.16 -1.82 -5.90
C ALA A 16 -12.82 -1.94 -6.64
N LEU A 17 -12.37 -0.86 -7.27
CA LEU A 17 -11.11 -0.87 -8.03
C LEU A 17 -9.89 -0.98 -7.10
N CYS A 18 -9.92 -0.26 -5.99
CA CYS A 18 -8.84 -0.39 -5.01
C CYS A 18 -8.79 -1.81 -4.44
N SER A 19 -9.96 -2.39 -4.19
CA SER A 19 -10.02 -3.77 -3.70
C SER A 19 -9.41 -4.73 -4.71
N MET A 20 -9.69 -4.47 -5.99
CA MET A 20 -9.16 -5.27 -7.08
C MET A 20 -7.63 -5.19 -7.16
N ILE A 21 -7.11 -3.97 -7.08
CA ILE A 21 -5.68 -3.76 -7.10
C ILE A 21 -5.01 -4.44 -5.90
N LEU A 22 -5.66 -4.36 -4.74
CA LEU A 22 -5.08 -4.95 -3.53
C LEU A 22 -5.04 -6.47 -3.64
N THR A 23 -6.07 -7.05 -4.22
CA THR A 23 -6.11 -8.49 -4.47
C THR A 23 -4.94 -8.94 -5.34
N GLU A 24 -4.62 -8.14 -6.36
CA GLU A 24 -3.53 -8.47 -7.25
C GLU A 24 -2.19 -8.37 -6.49
N MET A 25 -2.08 -7.39 -5.61
CA MET A 25 -0.91 -7.28 -4.73
C MET A 25 -0.76 -8.53 -3.87
N GLU A 26 -1.85 -8.88 -3.19
CA GLU A 26 -1.88 -10.02 -2.27
C GLU A 26 -1.50 -11.34 -2.96
N THR A 27 -1.81 -11.47 -4.24
CA THR A 27 -1.57 -12.74 -4.94
C THR A 27 -0.23 -12.77 -5.68
N HIS A 28 0.48 -11.65 -5.71
CA HIS A 28 1.82 -11.60 -6.30
C HIS A 28 2.76 -12.54 -5.54
N GLU A 29 3.65 -13.25 -6.25
CA GLU A 29 4.48 -14.23 -5.54
C GLU A 29 5.47 -13.54 -4.59
N ASP A 30 5.82 -12.28 -4.86
CA ASP A 30 6.72 -11.56 -3.98
C ASP A 30 5.99 -10.77 -2.88
N ALA A 31 4.72 -11.11 -2.61
CA ALA A 31 3.94 -10.40 -1.60
C ALA A 31 4.23 -10.89 -0.17
N TRP A 32 4.86 -12.07 -0.06
CA TRP A 32 5.00 -12.72 1.25
C TRP A 32 5.63 -11.87 2.38
N PRO A 33 6.55 -10.93 2.07
CA PRO A 33 7.03 -10.18 3.25
C PRO A 33 6.03 -9.14 3.76
N PHE A 34 4.94 -8.92 3.03
CA PHE A 34 4.05 -7.79 3.32
C PHE A 34 2.60 -8.20 3.63
N LEU A 35 2.34 -9.50 3.69
CA LEU A 35 0.96 -9.98 3.84
C LEU A 35 0.43 -9.75 5.25
N LEU A 36 1.31 -9.82 6.25
CA LEU A 36 0.94 -9.71 7.66
C LEU A 36 1.80 -8.67 8.37
N PRO A 37 1.30 -8.13 9.50
CA PRO A 37 2.12 -7.17 10.27
C PRO A 37 3.47 -7.78 10.66
N VAL A 38 4.54 -6.99 10.60
CA VAL A 38 5.83 -7.45 11.13
C VAL A 38 5.66 -7.66 12.63
N ASN A 39 6.14 -8.79 13.13
CA ASN A 39 5.97 -9.13 14.55
C ASN A 39 6.92 -8.31 15.42
N LEU A 40 6.36 -7.29 16.08
CA LEU A 40 7.14 -6.34 16.86
C LEU A 40 7.87 -6.97 18.04
N LYS A 41 7.52 -8.20 18.37
CA LYS A 41 8.11 -8.87 19.52
C LYS A 41 9.17 -9.90 19.08
N LEU A 42 9.28 -10.13 17.77
CA LEU A 42 10.29 -11.07 17.27
C LEU A 42 11.35 -10.39 16.42
N VAL A 43 11.06 -9.19 15.93
CA VAL A 43 12.02 -8.49 15.07
C VAL A 43 12.62 -7.30 15.79
N PRO A 44 13.89 -7.44 16.20
CA PRO A 44 14.61 -6.40 16.96
C PRO A 44 14.68 -5.10 16.17
N GLY A 45 14.44 -3.98 16.84
CA GLY A 45 14.59 -2.68 16.22
C GLY A 45 13.35 -2.16 15.52
N TYR A 46 12.49 -3.06 15.05
CA TYR A 46 11.41 -2.61 14.16
C TYR A 46 10.49 -1.60 14.82
N LYS A 47 10.06 -1.89 16.06
CA LYS A 47 9.12 -1.02 16.77
C LYS A 47 9.70 0.38 16.97
N LYS A 48 10.97 0.47 17.34
CA LYS A 48 11.60 1.76 17.62
C LYS A 48 11.88 2.54 16.34
N VAL A 49 12.28 1.83 15.29
CA VAL A 49 12.72 2.48 14.06
C VAL A 49 11.56 2.87 13.13
N ILE A 50 10.55 2.00 13.04
CA ILE A 50 9.48 2.20 12.05
C ILE A 50 8.26 2.79 12.76
N LYS A 51 8.04 4.08 12.57
CA LYS A 51 7.04 4.79 13.37
C LYS A 51 5.61 4.48 12.96
N LYS A 52 5.40 4.10 11.71
CA LYS A 52 4.06 3.75 11.22
C LYS A 52 4.10 2.47 10.40
N PRO A 53 4.03 1.31 11.08
CA PRO A 53 4.03 0.02 10.40
C PRO A 53 2.78 -0.13 9.56
N MET A 54 2.89 -0.81 8.43
CA MET A 54 1.72 -1.05 7.59
C MET A 54 1.98 -2.33 6.80
N ASP A 55 0.90 -3.03 6.44
CA ASP A 55 0.98 -4.29 5.69
C ASP A 55 -0.33 -4.52 4.93
N PHE A 56 -0.33 -5.46 3.99
CA PHE A 56 -1.52 -5.66 3.13
C PHE A 56 -2.77 -6.05 3.91
N SER A 57 -2.63 -6.85 4.97
CA SER A 57 -3.83 -7.31 5.69
C SER A 57 -4.46 -6.15 6.46
N THR A 58 -3.63 -5.24 6.97
CA THR A 58 -4.13 -4.05 7.65
C THR A 58 -4.81 -3.13 6.64
N ILE A 59 -4.21 -2.97 5.47
CA ILE A 59 -4.84 -2.21 4.39
C ILE A 59 -6.18 -2.81 3.98
N ARG A 60 -6.23 -4.15 3.89
CA ARG A 60 -7.47 -4.84 3.51
C ARG A 60 -8.58 -4.60 4.56
N GLU A 61 -8.19 -4.61 5.83
CA GLU A 61 -9.16 -4.39 6.92
C GLU A 61 -9.70 -2.95 6.88
N LYS A 62 -8.79 -1.99 6.72
CA LYS A 62 -9.19 -0.58 6.64
C LYS A 62 -10.07 -0.31 5.41
N LEU A 63 -9.74 -0.92 4.28
CA LEU A 63 -10.54 -0.76 3.07
C LEU A 63 -11.96 -1.32 3.28
N SER A 64 -12.03 -2.50 3.89
CA SER A 64 -13.28 -3.22 4.09
C SER A 64 -14.18 -2.60 5.16
N SER A 65 -13.66 -1.64 5.92
CA SER A 65 -14.39 -1.08 7.07
C SER A 65 -14.53 0.44 6.93
N GLY A 66 -14.38 0.95 5.72
CA GLY A 66 -14.62 2.35 5.42
C GLY A 66 -13.63 3.33 6.05
N GLN A 67 -12.40 2.91 6.23
CA GLN A 67 -11.41 3.78 6.88
C GLN A 67 -10.52 4.58 5.90
N TYR A 68 -10.72 4.40 4.60
CA TYR A 68 -10.09 5.30 3.61
C TYR A 68 -11.12 6.29 3.08
N PRO A 69 -10.89 7.59 3.30
CA PRO A 69 -11.77 8.67 2.84
C PRO A 69 -11.79 8.80 1.32
N ASN A 70 -10.67 8.48 0.68
CA ASN A 70 -10.54 8.63 -0.76
C ASN A 70 -9.41 7.73 -1.26
N LEU A 71 -9.24 7.63 -2.59
CA LEU A 71 -8.24 6.72 -3.12
C LEU A 71 -6.81 7.16 -2.82
N GLU A 72 -6.60 8.47 -2.65
CA GLU A 72 -5.28 8.97 -2.31
C GLU A 72 -4.79 8.49 -0.94
N THR A 73 -5.68 8.38 0.04
CA THR A 73 -5.26 7.89 1.35
C THR A 73 -4.94 6.40 1.30
N PHE A 74 -5.64 5.67 0.43
CA PHE A 74 -5.34 4.27 0.18
C PHE A 74 -3.91 4.13 -0.40
N ALA A 75 -3.61 4.94 -1.42
CA ALA A 75 -2.29 4.91 -2.06
C ALA A 75 -1.16 5.26 -1.07
N LEU A 76 -1.44 6.17 -0.14
CA LEU A 76 -0.45 6.54 0.88
C LEU A 76 -0.06 5.35 1.75
N ASP A 77 -1.06 4.55 2.17
CA ASP A 77 -0.78 3.36 2.99
C ASP A 77 -0.01 2.28 2.21
N VAL A 78 -0.37 2.06 0.95
CA VAL A 78 0.35 1.09 0.12
C VAL A 78 1.82 1.52 0.00
N ARG A 79 2.05 2.79 -0.27
CA ARG A 79 3.40 3.30 -0.44
C ARG A 79 4.17 3.24 0.88
N LEU A 80 3.46 3.45 1.99
CA LEU A 80 4.05 3.35 3.32
C LEU A 80 4.65 1.96 3.55
N VAL A 81 3.97 0.92 3.07
CA VAL A 81 4.49 -0.44 3.16
C VAL A 81 5.90 -0.53 2.53
N PHE A 82 6.06 0.06 1.35
CA PHE A 82 7.34 -0.08 0.63
C PHE A 82 8.40 0.90 1.14
N ASP A 83 7.96 2.06 1.62
CA ASP A 83 8.88 3.01 2.25
C ASP A 83 9.45 2.43 3.55
N ASN A 84 8.61 1.76 4.33
CA ASN A 84 9.08 1.07 5.54
C ASN A 84 10.08 -0.02 5.18
N CYS A 85 9.79 -0.73 4.09
CA CYS A 85 10.64 -1.84 3.65
C CYS A 85 12.04 -1.34 3.32
N GLU A 86 12.11 -0.18 2.65
CA GLU A 86 13.39 0.38 2.25
C GLU A 86 14.18 0.87 3.47
N THR A 87 13.46 1.41 4.44
CA THR A 87 14.08 1.89 5.67
C THR A 87 14.80 0.78 6.42
N PHE A 88 14.18 -0.40 6.48
CA PHE A 88 14.69 -1.47 7.34
C PHE A 88 15.50 -2.53 6.62
N ASN A 89 15.37 -2.61 5.29
CA ASN A 89 16.02 -3.69 4.53
C ASN A 89 16.98 -3.17 3.48
N GLU A 90 18.13 -3.84 3.37
CA GLU A 90 19.09 -3.54 2.32
CA GLU A 90 19.10 -3.55 2.33
C GLU A 90 18.49 -3.85 0.95
N ASP A 91 18.83 -3.04 -0.05
CA ASP A 91 18.36 -3.27 -1.41
C ASP A 91 18.80 -4.66 -1.91
N ASP A 92 20.02 -5.03 -1.59
CA ASP A 92 20.59 -6.32 -2.00
C ASP A 92 20.23 -7.40 -0.98
N SER A 93 18.93 -7.66 -0.85
CA SER A 93 18.41 -8.71 0.02
C SER A 93 17.11 -9.19 -0.59
N ASP A 94 16.65 -10.37 -0.19
CA ASP A 94 15.39 -10.92 -0.74
C ASP A 94 14.22 -9.99 -0.48
N ILE A 95 14.06 -9.56 0.77
CA ILE A 95 12.96 -8.68 1.14
C ILE A 95 13.09 -7.31 0.47
N GLY A 96 14.30 -6.78 0.44
CA GLY A 96 14.56 -5.51 -0.20
C GLY A 96 14.17 -5.50 -1.68
N ARG A 97 14.60 -6.53 -2.40
CA ARG A 97 14.23 -6.71 -3.80
C ARG A 97 12.71 -6.86 -3.96
N ALA A 98 12.11 -7.62 -3.05
CA ALA A 98 10.66 -7.83 -3.04
C ALA A 98 9.92 -6.51 -2.99
N GLY A 99 10.39 -5.62 -2.11
CA GLY A 99 9.78 -4.31 -1.96
C GLY A 99 9.83 -3.47 -3.23
N HIS A 100 11.00 -3.39 -3.86
CA HIS A 100 11.14 -2.63 -5.09
C HIS A 100 10.23 -3.20 -6.19
N ASN A 101 10.20 -4.53 -6.32
CA ASN A 101 9.32 -5.20 -7.29
C ASN A 101 7.84 -4.85 -7.06
N MET A 102 7.40 -4.95 -5.81
CA MET A 102 5.99 -4.73 -5.48
C MET A 102 5.59 -3.28 -5.66
N ARG A 103 6.51 -2.36 -5.38
CA ARG A 103 6.24 -0.94 -5.58
C ARG A 103 6.02 -0.63 -7.05
N LYS A 104 6.92 -1.15 -7.90
CA LYS A 104 6.81 -0.94 -9.34
C LYS A 104 5.49 -1.51 -9.85
N TYR A 105 5.17 -2.72 -9.40
CA TYR A 105 3.94 -3.42 -9.75
C TYR A 105 2.70 -2.58 -9.38
N PHE A 106 2.69 -2.06 -8.16
CA PHE A 106 1.58 -1.20 -7.72
C PHE A 106 1.43 0.04 -8.56
N GLU A 107 2.54 0.76 -8.77
CA GLU A 107 2.46 2.06 -9.40
C GLU A 107 1.94 1.98 -10.83
N LYS A 108 2.24 0.89 -11.55
CA LYS A 108 1.73 0.72 -12.91
C LYS A 108 0.23 0.46 -12.90
N LYS A 109 -0.21 -0.40 -11.99
CA LYS A 109 -1.63 -0.70 -11.84
C LYS A 109 -2.40 0.54 -11.44
N TRP A 110 -1.79 1.37 -10.62
CA TRP A 110 -2.39 2.62 -10.18
C TRP A 110 -2.58 3.57 -11.37
N THR A 111 -1.53 3.73 -12.16
CA THR A 111 -1.58 4.56 -13.37
C THR A 111 -2.58 4.02 -14.40
N ASP A 112 -2.52 2.71 -14.63
CA ASP A 112 -3.39 2.08 -15.62
C ASP A 112 -4.86 2.13 -15.23
N THR A 113 -5.13 2.08 -13.93
CA THR A 113 -6.50 2.04 -13.43
C THR A 113 -7.13 3.43 -13.32
N PHE A 114 -6.37 4.41 -12.85
CA PHE A 114 -6.97 5.68 -12.45
C PHE A 114 -6.50 6.90 -13.26
N LYS A 115 -5.28 6.86 -13.75
CA LYS A 115 -4.81 7.93 -14.62
C LYS A 115 -5.29 7.60 -16.04
N VAL A 116 -6.59 7.28 -16.11
CA VAL A 116 -7.29 6.69 -17.27
C VAL A 116 -6.40 6.36 -18.47
C01 6S0 B . 6.91 -10.63 7.38
C02 6S0 B . 8.23 -10.04 7.85
N03 6S0 B . 8.68 -9.09 6.89
C04 6S0 B . 9.63 -8.04 7.25
C05 6S0 B . 9.71 -6.78 6.52
C06 6S0 B . 8.77 -6.52 5.31
N07 6S0 B . 10.56 -5.83 6.84
C08 6S0 B . 11.40 -5.97 7.86
C09 6S0 B . 11.42 -7.13 8.63
C10 6S0 B . 10.50 -8.21 8.32
C11 6S0 B . 9.23 -11.15 8.02
C12 6S0 B . 10.04 -11.60 6.96
C13 6S0 B . 10.99 -12.69 7.23
C14 6S0 B . 11.04 -13.24 8.50
C15 6S0 B . 12.06 -14.35 8.63
C16 6S0 B . 12.71 -14.54 7.38
S17 6S0 B . 12.10 -13.48 6.28
N18 6S0 B . 10.23 -12.78 9.51
C19 6S0 B . 9.36 -11.79 9.30
#